data_5UWK
#
_entry.id   5UWK
#
_cell.length_a   45.784
_cell.length_b   57.155
_cell.length_c   120.564
_cell.angle_alpha   90.00
_cell.angle_beta   90.00
_cell.angle_gamma   90.00
#
_symmetry.space_group_name_H-M   'P 21 21 21'
#
loop_
_entity.id
_entity.type
_entity.pdbx_description
1 polymer 'Collagenase 3'
2 non-polymer 'ZINC ION'
3 non-polymer 'CALCIUM ION'
4 non-polymer "(S)-3-methyl-2-(4'-(((4-oxo-4,5,6,7-tetrahydro-3H-cyclopenta[d]pyrimidin-2-yl)thio)methyl)-[1,1'-biphenyl]-4-ylsulfonamido)butanoic acid"
5 water water
#
_entity_poly.entity_id   1
_entity_poly.type   'polypeptide(L)'
_entity_poly.pdbx_seq_one_letter_code
;MYNVFPRTLKWSKMNLTYRIVNYTPDMTHSEVEKAFKKAFKVWSDVTPLNFTRLHDGIADIMISFGIKEHGDFYPFDGPS
GLLAHAFPPGPNYGGDAHFDDDETWTSSSKGYNLFLVAAHEFGHSLGLDHSKDPGALMFPIYTYTGKSHFMLPDDDVQGI
QSLYGPGDEDPN
;
_entity_poly.pdbx_strand_id   A,B
#
loop_
_chem_comp.id
_chem_comp.type
_chem_comp.name
_chem_comp.formula
8OM non-polymer '(S)-3-methyl-2-(4'-(((4-oxo-4,5,6,7-tetrahydro-3H-cyclopenta[d]pyrimidin-2-yl)thio)methyl)-[1,1'-biphenyl]-4-ylsulfonamido)butanoic acid' 'C25 H27 N3 O5 S2'
CA non-polymer 'CALCIUM ION' 'Ca 2'
ZN non-polymer 'ZINC ION' 'Zn 2'
#
# COMPACT_ATOMS: atom_id res chain seq x y z
N PHE A 5 -6.52 3.15 -4.81
CA PHE A 5 -5.07 3.07 -5.04
C PHE A 5 -4.30 3.07 -3.72
N PRO A 6 -3.29 2.19 -3.57
CA PRO A 6 -2.91 1.04 -4.41
C PRO A 6 -3.33 -0.24 -3.73
N ARG A 7 -4.39 -0.89 -4.22
CA ARG A 7 -4.96 -2.01 -3.49
C ARG A 7 -4.33 -3.34 -3.93
N THR A 8 -4.38 -3.65 -5.23
CA THR A 8 -3.89 -4.93 -5.74
C THR A 8 -2.79 -4.71 -6.77
N LEU A 9 -2.11 -5.82 -7.06
CA LEU A 9 -0.82 -5.82 -7.74
C LEU A 9 -0.47 -7.28 -7.96
N LYS A 10 0.26 -7.64 -9.01
CA LYS A 10 0.59 -9.04 -9.19
C LYS A 10 2.07 -9.21 -9.53
N TRP A 11 2.57 -10.38 -9.14
CA TRP A 11 3.90 -10.80 -9.56
C TRP A 11 3.94 -10.95 -11.08
N SER A 12 5.07 -10.53 -11.66
CA SER A 12 5.31 -10.71 -13.08
C SER A 12 5.67 -12.14 -13.46
N LYS A 13 5.85 -13.03 -12.49
CA LYS A 13 6.12 -14.43 -12.76
C LYS A 13 5.22 -15.27 -11.87
N MET A 14 5.01 -16.52 -12.28
CA MET A 14 4.14 -17.40 -11.54
C MET A 14 4.84 -18.60 -10.92
N ASN A 15 6.13 -18.78 -11.19
CA ASN A 15 6.98 -19.71 -10.48
C ASN A 15 7.63 -18.95 -9.34
N LEU A 16 7.15 -19.18 -8.13
CA LEU A 16 7.61 -18.44 -6.95
C LEU A 16 8.26 -19.39 -5.96
N THR A 17 9.28 -18.89 -5.27
CA THR A 17 9.93 -19.65 -4.22
C THR A 17 9.62 -19.04 -2.86
N TYR A 18 9.72 -19.89 -1.84
CA TYR A 18 9.59 -19.44 -0.46
C TYR A 18 10.62 -20.11 0.41
N ARG A 19 10.90 -19.49 1.56
CA ARG A 19 11.85 -20.02 2.52
C ARG A 19 11.33 -19.76 3.92
N ILE A 20 11.30 -20.80 4.76
CA ILE A 20 11.00 -20.64 6.18
C ILE A 20 12.31 -20.34 6.87
N VAL A 21 12.49 -19.08 7.30
CA VAL A 21 13.78 -18.63 7.81
C VAL A 21 14.02 -19.13 9.23
N ASN A 22 12.97 -19.19 10.05
CA ASN A 22 13.08 -19.65 11.43
C ASN A 22 11.70 -20.14 11.86
N TYR A 23 11.62 -20.65 13.08
CA TYR A 23 10.47 -21.41 13.55
C TYR A 23 10.03 -20.89 14.92
N THR A 24 8.71 -20.83 15.12
CA THR A 24 8.15 -20.46 16.41
C THR A 24 8.40 -21.54 17.46
N PRO A 25 8.61 -21.15 18.73
CA PRO A 25 8.60 -22.14 19.82
C PRO A 25 7.28 -22.84 20.01
N ASP A 26 6.20 -22.32 19.43
CA ASP A 26 4.84 -22.73 19.79
C ASP A 26 4.43 -24.07 19.20
N MET A 27 5.07 -24.49 18.13
CA MET A 27 4.63 -25.63 17.34
C MET A 27 5.88 -26.41 16.94
N THR A 28 5.68 -27.65 16.54
CA THR A 28 6.78 -28.44 16.03
C THR A 28 7.18 -27.95 14.64
N HIS A 29 8.43 -28.21 14.26
CA HIS A 29 8.87 -27.93 12.90
C HIS A 29 7.87 -28.48 11.89
N SER A 30 7.45 -29.74 12.08
CA SER A 30 6.54 -30.37 11.12
C SER A 30 5.22 -29.64 11.02
N GLU A 31 4.66 -29.25 12.17
CA GLU A 31 3.40 -28.52 12.18
C GLU A 31 3.53 -27.21 11.41
N VAL A 32 4.65 -26.49 11.59
CA VAL A 32 4.85 -25.23 10.90
C VAL A 32 4.98 -25.46 9.39
N GLU A 33 5.78 -26.45 9.02
CA GLU A 33 5.97 -26.76 7.61
C GLU A 33 4.66 -27.18 6.94
N LYS A 34 3.87 -28.05 7.59
CA LYS A 34 2.56 -28.43 7.04
C LYS A 34 1.66 -27.22 6.86
N ALA A 35 1.61 -26.34 7.86
CA ALA A 35 0.74 -25.17 7.81
C ALA A 35 1.07 -24.29 6.60
N PHE A 36 2.35 -24.00 6.38
CA PHE A 36 2.73 -23.12 5.28
C PHE A 36 2.54 -23.81 3.92
N LYS A 37 2.84 -25.11 3.84
CA LYS A 37 2.63 -25.82 2.56
C LYS A 37 1.14 -25.84 2.18
N LYS A 38 0.27 -26.12 3.16
CA LYS A 38 -1.16 -26.12 2.90
C LYS A 38 -1.65 -24.73 2.52
N ALA A 39 -1.06 -23.71 3.14
CA ALA A 39 -1.48 -22.33 2.88
C ALA A 39 -1.12 -21.89 1.46
N PHE A 40 0.04 -22.29 0.94
CA PHE A 40 0.37 -21.99 -0.45
C PHE A 40 -0.54 -22.77 -1.41
N LYS A 41 -0.88 -24.01 -1.05
CA LYS A 41 -1.68 -24.86 -1.93
C LYS A 41 -3.08 -24.29 -2.10
N VAL A 42 -3.60 -23.59 -1.09
CA VAL A 42 -4.87 -22.88 -1.22
C VAL A 42 -4.90 -22.07 -2.52
N TRP A 43 -3.81 -21.36 -2.80
CA TRP A 43 -3.74 -20.44 -3.93
C TRP A 43 -3.28 -21.13 -5.21
N SER A 44 -2.36 -22.08 -5.13
CA SER A 44 -1.89 -22.76 -6.33
C SER A 44 -2.95 -23.68 -6.90
N ASP A 45 -3.88 -24.17 -6.06
CA ASP A 45 -4.91 -25.10 -6.53
C ASP A 45 -5.90 -24.45 -7.48
N VAL A 46 -6.00 -23.11 -7.50
CA VAL A 46 -7.01 -22.44 -8.31
C VAL A 46 -6.41 -21.43 -9.28
N THR A 47 -5.10 -21.49 -9.52
CA THR A 47 -4.39 -20.56 -10.41
C THR A 47 -3.23 -21.29 -11.05
N PRO A 48 -2.49 -20.66 -11.97
CA PRO A 48 -1.24 -21.25 -12.48
C PRO A 48 -0.04 -21.03 -11.57
N LEU A 49 -0.22 -20.44 -10.40
CA LEU A 49 0.90 -20.23 -9.49
C LEU A 49 1.44 -21.57 -9.03
N ASN A 50 2.75 -21.65 -8.89
CA ASN A 50 3.36 -22.80 -8.25
C ASN A 50 4.47 -22.31 -7.33
N PHE A 51 4.62 -23.02 -6.21
CA PHE A 51 5.44 -22.59 -5.09
C PHE A 51 6.43 -23.70 -4.77
N THR A 52 7.71 -23.34 -4.70
CA THR A 52 8.78 -24.27 -4.37
C THR A 52 9.49 -23.78 -3.12
N ARG A 53 9.70 -24.68 -2.17
CA ARG A 53 10.40 -24.36 -0.92
C ARG A 53 11.91 -24.45 -1.09
N LEU A 54 12.61 -23.41 -0.64
CA LEU A 54 14.06 -23.39 -0.57
C LEU A 54 14.48 -23.47 0.89
N HIS A 55 15.60 -24.14 1.14
CA HIS A 55 16.13 -24.28 2.49
C HIS A 55 17.27 -23.32 2.78
N ASP A 56 17.67 -22.51 1.81
CA ASP A 56 18.78 -21.60 2.01
C ASP A 56 18.68 -20.51 0.96
N GLY A 57 19.38 -19.41 1.22
CA GLY A 57 19.49 -18.35 0.24
C GLY A 57 18.20 -17.57 0.05
N ILE A 58 18.23 -16.70 -0.94
CA ILE A 58 17.11 -15.79 -1.15
C ILE A 58 15.99 -16.52 -1.89
N ALA A 59 14.78 -16.38 -1.36
CA ALA A 59 13.55 -16.80 -2.01
C ALA A 59 12.67 -15.59 -2.23
N ASP A 60 11.69 -15.72 -3.13
CA ASP A 60 10.77 -14.61 -3.37
C ASP A 60 10.01 -14.25 -2.10
N ILE A 61 9.46 -15.26 -1.41
CA ILE A 61 8.62 -15.06 -0.23
C ILE A 61 9.42 -15.59 0.95
N MET A 62 10.05 -14.67 1.70
CA MET A 62 10.79 -15.01 2.91
C MET A 62 9.83 -14.96 4.10
N ILE A 63 9.79 -16.06 4.87
CA ILE A 63 8.85 -16.23 5.98
C ILE A 63 9.63 -16.25 7.28
N SER A 64 9.24 -15.41 8.23
CA SER A 64 9.95 -15.42 9.51
C SER A 64 9.03 -15.06 10.68
N PHE A 65 9.44 -15.54 11.85
CA PHE A 65 8.84 -15.21 13.14
C PHE A 65 9.73 -14.23 13.88
N GLY A 66 9.13 -13.19 14.46
CA GLY A 66 9.89 -12.16 15.14
C GLY A 66 9.02 -11.42 16.13
N ILE A 67 9.66 -10.51 16.89
CA ILE A 67 8.96 -9.69 17.87
C ILE A 67 9.44 -8.24 17.77
N LYS A 68 8.60 -7.32 18.26
CA LYS A 68 8.95 -5.90 18.39
C LYS A 68 9.64 -5.44 17.09
N GLU A 69 10.78 -4.76 17.16
CA GLU A 69 11.55 -4.36 15.97
C GLU A 69 12.29 -5.57 15.41
N HIS A 70 11.99 -5.93 14.16
CA HIS A 70 12.50 -7.17 13.58
C HIS A 70 13.10 -6.95 12.19
N GLY A 71 13.38 -5.69 11.85
CA GLY A 71 14.15 -5.40 10.65
C GLY A 71 13.45 -4.60 9.57
N ASP A 72 12.22 -4.17 9.77
CA ASP A 72 11.55 -3.35 8.77
C ASP A 72 10.95 -2.14 9.49
N PHE A 73 10.16 -1.34 8.80
CA PHE A 73 9.60 -0.17 9.44
C PHE A 73 8.25 -0.45 10.08
N TYR A 74 7.95 -1.71 10.40
CA TYR A 74 6.62 -2.12 10.85
C TYR A 74 6.76 -3.01 12.06
N PRO A 75 7.16 -2.45 13.17
CA PRO A 75 7.40 -3.26 14.37
C PRO A 75 6.13 -3.89 14.90
N PHE A 76 6.30 -5.07 15.50
CA PHE A 76 5.24 -5.72 16.25
C PHE A 76 5.16 -5.12 17.66
N ASP A 77 4.14 -5.55 18.41
CA ASP A 77 3.63 -4.77 19.53
C ASP A 77 3.42 -5.60 20.79
N GLY A 78 4.11 -6.73 20.92
CA GLY A 78 3.89 -7.60 22.05
C GLY A 78 2.59 -8.36 21.93
N PRO A 79 2.18 -9.02 23.02
CA PRO A 79 0.94 -9.81 23.00
C PRO A 79 -0.25 -8.96 22.63
N SER A 80 -1.13 -9.54 21.81
CA SER A 80 -2.36 -8.91 21.34
C SER A 80 -2.07 -7.90 20.23
N GLY A 81 -3.09 -7.17 19.81
CA GLY A 81 -2.90 -6.22 18.73
C GLY A 81 -2.51 -6.94 17.46
N LEU A 82 -1.47 -6.45 16.82
CA LEU A 82 -1.00 -7.04 15.57
C LEU A 82 -0.57 -8.49 15.79
N LEU A 83 -0.82 -9.32 14.77
CA LEU A 83 -0.32 -10.70 14.75
C LEU A 83 0.59 -11.05 13.57
N ALA A 84 0.48 -10.38 12.42
CA ALA A 84 1.26 -10.76 11.23
C ALA A 84 1.07 -9.70 10.16
N HIS A 85 2.02 -9.62 9.23
CA HIS A 85 1.84 -8.77 8.06
C HIS A 85 2.68 -9.33 6.92
N ALA A 86 2.31 -8.97 5.69
CA ALA A 86 3.00 -9.44 4.50
C ALA A 86 3.03 -8.32 3.47
N PHE A 87 4.18 -8.20 2.78
CA PHE A 87 4.37 -7.12 1.81
C PHE A 87 3.82 -7.48 0.44
N PRO A 88 3.33 -6.49 -0.29
CA PRO A 88 2.84 -6.73 -1.66
C PRO A 88 3.93 -7.26 -2.57
N PRO A 89 3.56 -7.86 -3.70
CA PRO A 89 4.57 -8.31 -4.67
C PRO A 89 5.59 -7.25 -5.04
N GLY A 90 6.84 -7.70 -5.17
CA GLY A 90 7.92 -6.84 -5.55
C GLY A 90 9.26 -7.38 -5.06
N PRO A 91 10.35 -6.67 -5.33
CA PRO A 91 11.68 -7.15 -4.90
C PRO A 91 11.90 -6.93 -3.41
N ASN A 92 12.95 -7.58 -2.90
CA ASN A 92 13.43 -7.40 -1.52
C ASN A 92 12.33 -7.82 -0.55
N TYR A 93 11.87 -6.94 0.33
CA TYR A 93 10.83 -7.35 1.27
C TYR A 93 9.51 -7.68 0.59
N GLY A 94 9.34 -7.29 -0.67
CA GLY A 94 8.13 -7.62 -1.41
C GLY A 94 7.81 -9.10 -1.26
N GLY A 95 6.55 -9.41 -0.98
CA GLY A 95 6.10 -10.78 -0.78
C GLY A 95 6.38 -11.39 0.58
N ASP A 96 7.34 -10.85 1.35
CA ASP A 96 7.76 -11.50 2.58
C ASP A 96 6.63 -11.44 3.62
N ALA A 97 6.60 -12.46 4.49
CA ALA A 97 5.55 -12.58 5.51
C ALA A 97 6.19 -12.75 6.89
N HIS A 98 5.71 -11.95 7.85
CA HIS A 98 6.27 -11.89 9.20
C HIS A 98 5.15 -12.19 10.20
N PHE A 99 5.47 -13.00 11.21
CA PHE A 99 4.53 -13.43 12.22
C PHE A 99 5.06 -13.04 13.59
N ASP A 100 4.20 -12.44 14.40
CA ASP A 100 4.56 -11.92 15.72
C ASP A 100 4.60 -13.07 16.72
N ASP A 101 5.81 -13.42 17.19
CA ASP A 101 5.88 -14.55 18.11
C ASP A 101 5.51 -14.17 19.53
N ASP A 102 5.10 -12.95 19.78
CA ASP A 102 4.46 -12.69 21.05
C ASP A 102 3.00 -13.10 21.04
N GLU A 103 2.47 -13.60 19.91
CA GLU A 103 1.20 -14.29 19.84
C GLU A 103 1.44 -15.80 19.93
N THR A 104 0.38 -16.54 20.25
CA THR A 104 0.45 -17.99 20.34
C THR A 104 -0.09 -18.61 19.06
N TRP A 105 0.77 -19.35 18.37
CA TRP A 105 0.46 -19.99 17.10
C TRP A 105 0.13 -21.46 17.35
N THR A 106 -0.93 -21.96 16.70
CA THR A 106 -1.35 -23.33 16.91
C THR A 106 -1.73 -24.00 15.60
N SER A 107 -1.92 -25.32 15.69
CA SER A 107 -2.59 -26.09 14.66
C SER A 107 -4.01 -26.44 15.06
N SER A 108 -4.57 -25.73 16.04
CA SER A 108 -5.85 -26.06 16.63
C SER A 108 -6.73 -24.81 16.65
N SER A 109 -7.77 -24.83 17.48
CA SER A 109 -8.66 -23.69 17.70
C SER A 109 -8.13 -22.71 18.74
N LYS A 110 -7.10 -23.07 19.49
CA LYS A 110 -6.53 -22.15 20.47
C LYS A 110 -5.66 -21.11 19.78
N GLY A 111 -5.40 -20.03 20.48
CA GLY A 111 -4.53 -19.01 19.92
C GLY A 111 -4.95 -18.63 18.51
N TYR A 112 -3.96 -18.44 17.65
CA TYR A 112 -4.17 -18.17 16.23
C TYR A 112 -3.75 -19.39 15.42
N ASN A 113 -4.66 -19.90 14.60
CA ASN A 113 -4.35 -21.05 13.77
C ASN A 113 -3.39 -20.61 12.67
N LEU A 114 -2.18 -21.19 12.66
CA LEU A 114 -1.14 -20.71 11.77
C LEU A 114 -1.53 -20.89 10.31
N PHE A 115 -2.12 -22.03 9.97
CA PHE A 115 -2.55 -22.23 8.58
C PHE A 115 -3.47 -21.10 8.13
N LEU A 116 -4.50 -20.78 8.93
CA LEU A 116 -5.46 -19.78 8.48
C LEU A 116 -4.80 -18.42 8.37
N VAL A 117 -3.96 -18.04 9.33
CA VAL A 117 -3.35 -16.72 9.24
C VAL A 117 -2.38 -16.68 8.07
N ALA A 118 -1.60 -17.74 7.86
CA ALA A 118 -0.63 -17.76 6.76
C ALA A 118 -1.33 -17.71 5.41
N ALA A 119 -2.42 -18.46 5.26
CA ALA A 119 -3.15 -18.44 4.00
C ALA A 119 -3.61 -17.02 3.68
N HIS A 120 -4.13 -16.31 4.69
CA HIS A 120 -4.53 -14.92 4.53
C HIS A 120 -3.33 -14.04 4.16
N GLU A 121 -2.22 -14.19 4.89
CA GLU A 121 -1.07 -13.32 4.64
C GLU A 121 -0.46 -13.59 3.27
N PHE A 122 -0.44 -14.85 2.83
CA PHE A 122 0.06 -15.15 1.49
C PHE A 122 -0.85 -14.56 0.42
N GLY A 123 -2.14 -14.41 0.73
CA GLY A 123 -2.99 -13.64 -0.16
C GLY A 123 -2.45 -12.24 -0.37
N HIS A 124 -2.01 -11.59 0.72
CA HIS A 124 -1.39 -10.28 0.59
C HIS A 124 -0.07 -10.37 -0.18
N SER A 125 0.72 -11.41 0.09
CA SER A 125 1.99 -11.64 -0.62
C SER A 125 1.78 -11.77 -2.13
N LEU A 126 0.61 -12.18 -2.54
CA LEU A 126 0.31 -12.39 -3.94
C LEU A 126 -0.44 -11.21 -4.55
N GLY A 127 -0.73 -10.18 -3.77
CA GLY A 127 -1.32 -8.96 -4.29
C GLY A 127 -2.77 -8.74 -3.96
N LEU A 128 -3.38 -9.57 -3.14
CA LEU A 128 -4.77 -9.36 -2.76
C LEU A 128 -4.89 -8.36 -1.61
N ASP A 129 -6.00 -7.63 -1.62
CA ASP A 129 -6.42 -6.75 -0.54
C ASP A 129 -7.58 -7.42 0.20
N HIS A 130 -8.18 -6.69 1.15
CA HIS A 130 -9.18 -7.30 1.99
C HIS A 130 -10.55 -7.38 1.29
N SER A 131 -11.35 -8.35 1.74
CA SER A 131 -12.72 -8.54 1.32
C SER A 131 -13.69 -7.95 2.35
N LYS A 132 -14.87 -7.53 1.86
CA LYS A 132 -15.99 -7.13 2.71
C LYS A 132 -16.90 -8.28 3.05
N ASP A 133 -16.65 -9.46 2.49
CA ASP A 133 -17.44 -10.68 2.71
C ASP A 133 -16.94 -11.35 3.98
N PRO A 134 -17.74 -11.40 5.05
CA PRO A 134 -17.24 -11.95 6.31
C PRO A 134 -16.86 -13.41 6.23
N GLY A 135 -17.29 -14.13 5.20
CA GLY A 135 -16.92 -15.51 5.01
C GLY A 135 -15.63 -15.71 4.23
N ALA A 136 -15.03 -14.66 3.71
CA ALA A 136 -13.86 -14.78 2.87
C ALA A 136 -12.60 -14.98 3.70
N LEU A 137 -11.62 -15.69 3.12
CA LEU A 137 -10.32 -15.81 3.75
C LEU A 137 -9.69 -14.44 3.95
N MET A 138 -9.88 -13.53 2.99
CA MET A 138 -9.28 -12.20 3.01
C MET A 138 -10.12 -11.15 3.78
N PHE A 139 -11.13 -11.58 4.53
CA PHE A 139 -11.81 -10.66 5.44
C PHE A 139 -10.81 -10.13 6.48
N PRO A 140 -10.98 -8.90 6.96
CA PRO A 140 -9.93 -8.31 7.85
C PRO A 140 -9.89 -8.87 9.25
N ILE A 141 -10.90 -9.58 9.71
CA ILE A 141 -11.00 -10.02 11.10
C ILE A 141 -10.84 -11.54 11.15
N TYR A 142 -9.93 -12.00 12.01
CA TYR A 142 -9.69 -13.41 12.20
C TYR A 142 -10.82 -14.09 12.97
N THR A 143 -11.27 -15.23 12.44
CA THR A 143 -12.15 -16.14 13.16
C THR A 143 -11.70 -17.56 12.86
N TYR A 144 -12.10 -18.48 13.72
CA TYR A 144 -11.86 -19.92 13.56
C TYR A 144 -13.21 -20.61 13.51
N THR A 145 -13.58 -21.11 12.34
CA THR A 145 -14.88 -21.72 12.12
C THR A 145 -14.82 -23.24 12.05
N GLY A 146 -13.71 -23.85 12.45
CA GLY A 146 -13.61 -25.30 12.56
C GLY A 146 -12.47 -25.93 11.79
N PHE A 150 -10.62 -27.53 4.60
CA PHE A 150 -10.73 -26.14 4.18
C PHE A 150 -10.98 -26.08 2.68
N MET A 151 -11.95 -25.25 2.29
N MET A 151 -11.89 -25.19 2.29
CA MET A 151 -12.16 -24.93 0.88
CA MET A 151 -12.17 -24.95 0.87
C MET A 151 -12.07 -23.41 0.73
C MET A 151 -12.19 -23.44 0.64
N LEU A 152 -11.34 -22.97 -0.27
CA LEU A 152 -11.16 -21.54 -0.48
C LEU A 152 -12.49 -20.92 -0.89
N PRO A 153 -13.00 -19.91 -0.15
CA PRO A 153 -14.28 -19.31 -0.54
C PRO A 153 -14.24 -18.67 -1.91
N ASP A 154 -15.41 -18.65 -2.57
CA ASP A 154 -15.45 -18.18 -3.96
C ASP A 154 -15.04 -16.72 -4.11
N ASP A 155 -15.30 -15.89 -3.09
CA ASP A 155 -14.82 -14.51 -3.18
C ASP A 155 -13.31 -14.46 -3.35
N ASP A 156 -12.59 -15.32 -2.63
CA ASP A 156 -11.13 -15.33 -2.73
C ASP A 156 -10.69 -15.97 -4.04
N VAL A 157 -11.38 -17.02 -4.48
CA VAL A 157 -11.11 -17.61 -5.79
C VAL A 157 -11.20 -16.56 -6.89
N GLN A 158 -12.29 -15.77 -6.87
CA GLN A 158 -12.46 -14.73 -7.89
C GLN A 158 -11.34 -13.70 -7.82
N GLY A 159 -10.99 -13.28 -6.60
CA GLY A 159 -9.96 -12.28 -6.44
C GLY A 159 -8.61 -12.71 -6.96
N ILE A 160 -8.21 -13.95 -6.66
CA ILE A 160 -6.88 -14.38 -7.09
C ILE A 160 -6.88 -14.71 -8.57
N GLN A 161 -8.01 -15.19 -9.09
CA GLN A 161 -8.08 -15.48 -10.52
C GLN A 161 -8.17 -14.20 -11.33
N SER A 162 -8.67 -13.12 -10.76
CA SER A 162 -8.65 -11.89 -11.53
C SER A 162 -7.23 -11.38 -11.72
N LEU A 163 -6.29 -11.79 -10.86
CA LEU A 163 -4.90 -11.39 -11.02
C LEU A 163 -4.11 -12.39 -11.86
N TYR A 164 -4.31 -13.68 -11.65
CA TYR A 164 -3.46 -14.71 -12.25
C TYR A 164 -4.18 -15.65 -13.21
N GLY A 165 -5.50 -15.57 -13.32
CA GLY A 165 -6.24 -16.49 -14.15
C GLY A 165 -6.54 -17.78 -13.43
N PRO A 166 -7.35 -18.64 -14.03
CA PRO A 166 -7.68 -19.92 -13.41
C PRO A 166 -6.57 -20.96 -13.58
N GLY A 167 -6.71 -22.04 -12.85
CA GLY A 167 -5.79 -23.16 -12.95
C GLY A 167 -6.09 -24.04 -14.14
N PHE B 5 -1.72 -2.92 3.75
CA PHE B 5 -0.39 -2.91 4.32
C PHE B 5 0.49 -2.71 3.09
N PRO B 6 1.53 -1.89 3.19
CA PRO B 6 2.16 -1.32 4.39
C PRO B 6 1.91 0.19 4.65
N ARG B 7 0.71 0.54 5.09
CA ARG B 7 0.31 1.93 5.28
C ARG B 7 0.01 2.21 6.74
N THR B 8 -0.37 3.47 7.02
CA THR B 8 -0.89 3.94 8.31
C THR B 8 -2.18 4.71 8.06
N LEU B 9 -3.02 4.82 9.10
CA LEU B 9 -4.24 5.63 8.97
C LEU B 9 -3.88 7.06 8.59
N LYS B 10 -2.94 7.66 9.32
CA LYS B 10 -2.50 9.02 9.15
C LYS B 10 -1.05 9.07 9.55
N TRP B 11 -0.39 10.19 9.27
CA TRP B 11 0.97 10.41 9.71
C TRP B 11 0.99 10.60 11.22
N SER B 12 1.93 9.92 11.87
CA SER B 12 2.04 10.08 13.30
C SER B 12 2.87 11.31 13.67
N LYS B 13 3.38 12.03 12.70
CA LYS B 13 4.09 13.28 12.97
C LYS B 13 3.53 14.38 12.09
N MET B 14 3.48 15.58 12.67
CA MET B 14 2.90 16.74 12.00
C MET B 14 3.92 17.52 11.16
N ASN B 15 5.19 17.30 11.39
CA ASN B 15 6.24 17.95 10.61
C ASN B 15 6.74 16.98 9.54
N LEU B 16 6.35 17.26 8.29
CA LEU B 16 6.65 16.38 7.18
C LEU B 16 7.57 17.09 6.18
N THR B 17 8.40 16.30 5.52
CA THR B 17 9.31 16.79 4.51
C THR B 17 8.89 16.26 3.15
N TYR B 18 9.28 17.01 2.12
CA TYR B 18 9.10 16.60 0.74
C TYR B 18 10.33 16.93 -0.07
N ARG B 19 10.48 16.21 -1.19
CA ARG B 19 11.59 16.40 -2.12
C ARG B 19 11.06 16.28 -3.53
N ILE B 20 11.41 17.25 -4.37
CA ILE B 20 11.09 17.22 -5.80
C ILE B 20 12.27 16.53 -6.46
N VAL B 21 12.08 15.26 -6.83
CA VAL B 21 13.19 14.42 -7.27
C VAL B 21 13.64 14.80 -8.68
N ASN B 22 12.69 15.14 -9.55
CA ASN B 22 12.99 15.60 -10.91
C ASN B 22 11.83 16.49 -11.36
N TYR B 23 11.96 17.02 -12.58
CA TYR B 23 11.10 18.08 -13.07
C TYR B 23 10.58 17.75 -14.45
N THR B 24 9.34 18.15 -14.68
CA THR B 24 8.73 17.97 -15.99
C THR B 24 9.34 18.94 -17.02
N PRO B 25 9.43 18.52 -18.28
CA PRO B 25 9.82 19.47 -19.33
C PRO B 25 8.81 20.59 -19.56
N ASP B 26 7.58 20.46 -19.04
CA ASP B 26 6.46 21.31 -19.44
C ASP B 26 6.46 22.68 -18.78
N MET B 27 7.18 22.85 -17.68
CA MET B 27 7.14 24.05 -16.86
C MET B 27 8.56 24.31 -16.35
N THR B 28 8.84 25.56 -15.99
CA THR B 28 10.13 25.87 -15.42
C THR B 28 10.24 25.31 -14.00
N HIS B 29 11.48 25.15 -13.52
CA HIS B 29 11.69 24.74 -12.13
C HIS B 29 10.88 25.64 -11.19
N SER B 30 10.97 26.94 -11.42
CA SER B 30 10.29 27.88 -10.52
C SER B 30 8.77 27.67 -10.52
N GLU B 31 8.17 27.45 -11.69
CA GLU B 31 6.73 27.23 -11.78
C GLU B 31 6.33 25.94 -11.06
N VAL B 32 7.12 24.88 -11.22
CA VAL B 32 6.83 23.62 -10.53
C VAL B 32 6.93 23.81 -9.02
N GLU B 33 8.01 24.42 -8.55
CA GLU B 33 8.18 24.61 -7.12
C GLU B 33 7.03 25.43 -6.54
N LYS B 34 6.59 26.44 -7.29
CA LYS B 34 5.49 27.29 -6.82
C LYS B 34 4.19 26.50 -6.72
N ALA B 35 3.93 25.63 -7.70
CA ALA B 35 2.69 24.85 -7.70
C ALA B 35 2.66 23.90 -6.50
N PHE B 36 3.77 23.18 -6.25
CA PHE B 36 3.78 22.24 -5.15
C PHE B 36 3.72 22.96 -3.79
N LYS B 37 4.41 24.10 -3.64
CA LYS B 37 4.33 24.83 -2.38
C LYS B 37 2.89 25.26 -2.08
N LYS B 38 2.20 25.79 -3.09
CA LYS B 38 0.81 26.20 -2.93
C LYS B 38 -0.09 25.01 -2.59
N ALA B 39 0.16 23.86 -3.22
CA ALA B 39 -0.64 22.67 -2.93
C ALA B 39 -0.49 22.20 -1.49
N PHE B 40 0.72 22.19 -0.95
CA PHE B 40 0.90 21.82 0.45
C PHE B 40 0.22 22.82 1.37
N LYS B 41 0.29 24.10 1.02
CA LYS B 41 -0.28 25.15 1.86
C LYS B 41 -1.81 25.01 2.00
N VAL B 42 -2.48 24.48 0.98
CA VAL B 42 -3.92 24.20 1.05
C VAL B 42 -4.24 23.39 2.30
N TRP B 43 -3.40 22.39 2.59
CA TRP B 43 -3.64 21.48 3.70
C TRP B 43 -3.06 22.00 5.01
N SER B 44 -1.90 22.66 5.00
CA SER B 44 -1.32 23.16 6.23
C SER B 44 -2.09 24.37 6.77
N ASP B 45 -2.82 25.07 5.91
CA ASP B 45 -3.57 26.23 6.38
C ASP B 45 -4.72 25.86 7.28
N VAL B 46 -5.21 24.61 7.24
CA VAL B 46 -6.37 24.21 8.02
C VAL B 46 -6.07 23.06 8.97
N THR B 47 -4.79 22.77 9.22
CA THR B 47 -4.36 21.71 10.14
C THR B 47 -3.10 22.11 10.87
N PRO B 48 -2.63 21.31 11.84
CA PRO B 48 -1.29 21.50 12.41
C PRO B 48 -0.15 20.96 11.53
N LEU B 49 -0.43 20.46 10.34
CA LEU B 49 0.64 19.95 9.49
C LEU B 49 1.53 21.08 9.00
N ASN B 50 2.83 20.77 8.88
CA ASN B 50 3.85 21.68 8.33
C ASN B 50 4.66 20.90 7.29
N PHE B 51 5.00 21.56 6.19
CA PHE B 51 5.73 20.93 5.11
C PHE B 51 7.01 21.70 4.84
N THR B 52 8.14 20.99 4.79
CA THR B 52 9.45 21.56 4.52
C THR B 52 10.09 20.83 3.35
N ARG B 53 10.67 21.61 2.43
CA ARG B 53 11.31 21.08 1.23
C ARG B 53 12.75 20.69 1.52
N LEU B 54 13.13 19.49 1.09
CA LEU B 54 14.51 19.03 1.13
C LEU B 54 15.04 18.92 -0.28
N HIS B 55 16.30 19.29 -0.48
CA HIS B 55 16.90 19.23 -1.80
C HIS B 55 17.59 17.92 -2.11
N ASP B 56 17.90 17.11 -1.09
CA ASP B 56 18.64 15.88 -1.28
C ASP B 56 18.15 14.84 -0.29
N GLY B 57 18.46 13.59 -0.59
CA GLY B 57 18.28 12.53 0.38
C GLY B 57 16.82 12.15 0.57
N ILE B 58 16.53 11.49 1.69
CA ILE B 58 15.18 10.96 1.88
C ILE B 58 14.30 12.02 2.49
N ALA B 59 13.09 12.10 1.97
CA ALA B 59 12.01 12.93 2.50
C ALA B 59 10.78 12.05 2.67
N ASP B 60 9.85 12.48 3.52
CA ASP B 60 8.62 11.72 3.71
C ASP B 60 7.84 11.57 2.40
N ILE B 61 7.61 12.69 1.71
CA ILE B 61 6.82 12.75 0.49
C ILE B 61 7.78 12.98 -0.66
N MET B 62 8.14 11.89 -1.37
CA MET B 62 9.02 11.97 -2.53
C MET B 62 8.15 12.20 -3.75
N ILE B 63 8.44 13.28 -4.50
CA ILE B 63 7.64 13.69 -5.64
C ILE B 63 8.45 13.49 -6.90
N SER B 64 7.84 12.87 -7.92
CA SER B 64 8.57 12.65 -9.16
C SER B 64 7.64 12.62 -10.37
N PHE B 65 8.25 12.92 -11.51
CA PHE B 65 7.62 12.82 -12.82
C PHE B 65 8.19 11.61 -13.54
N GLY B 66 7.31 10.78 -14.11
CA GLY B 66 7.78 9.62 -14.84
C GLY B 66 6.75 9.16 -15.83
N ILE B 67 7.10 8.09 -16.57
CA ILE B 67 6.22 7.53 -17.58
C ILE B 67 6.24 6.00 -17.46
N LYS B 68 5.17 5.39 -17.96
CA LYS B 68 5.06 3.94 -18.09
C LYS B 68 5.55 3.31 -16.78
N GLU B 69 6.39 2.29 -16.80
CA GLU B 69 6.83 1.64 -15.57
C GLU B 69 7.96 2.48 -14.96
N HIS B 70 7.76 2.95 -13.72
CA HIS B 70 8.65 3.93 -13.13
C HIS B 70 9.11 3.53 -11.72
N GLY B 71 8.93 2.26 -11.34
CA GLY B 71 9.57 1.70 -10.16
C GLY B 71 8.64 1.12 -9.12
N ASP B 72 7.33 1.27 -9.24
CA ASP B 72 6.40 0.80 -8.21
C ASP B 72 5.37 -0.20 -8.71
N PHE B 73 5.51 -0.69 -9.94
CA PHE B 73 4.62 -1.68 -10.53
C PHE B 73 3.20 -1.19 -10.71
N TYR B 74 2.97 0.11 -10.56
CA TYR B 74 1.71 0.74 -10.96
C TYR B 74 2.02 1.65 -12.14
N PRO B 75 2.19 1.08 -13.34
CA PRO B 75 2.68 1.87 -14.47
C PRO B 75 1.67 2.90 -14.94
N PHE B 76 2.20 4.01 -15.44
CA PHE B 76 1.40 4.95 -16.19
C PHE B 76 1.18 4.40 -17.61
N ASP B 77 0.42 5.14 -18.44
CA ASP B 77 -0.27 4.55 -19.59
C ASP B 77 -0.20 5.42 -20.84
N GLY B 78 0.82 6.28 -20.94
CA GLY B 78 0.91 7.20 -22.05
C GLY B 78 -0.11 8.33 -21.96
N PRO B 79 -0.28 9.05 -23.07
CA PRO B 79 -1.18 10.20 -23.13
C PRO B 79 -2.63 9.84 -22.68
N SER B 80 -3.34 10.69 -21.93
CA SER B 80 -4.72 10.48 -21.45
C SER B 80 -4.86 9.33 -20.40
N GLY B 81 -6.07 8.99 -19.97
CA GLY B 81 -6.26 7.93 -19.00
C GLY B 81 -5.58 8.36 -17.66
N LEU B 82 -4.67 7.57 -17.05
CA LEU B 82 -4.04 8.00 -15.76
C LEU B 82 -3.29 9.35 -15.89
N LEU B 83 -3.36 10.13 -14.82
CA LEU B 83 -2.65 11.40 -14.66
C LEU B 83 -1.58 11.38 -13.57
N ALA B 84 -1.87 10.76 -12.44
CA ALA B 84 -1.01 10.85 -11.27
C ALA B 84 -1.57 9.91 -10.22
N HIS B 85 -0.72 9.55 -9.26
CA HIS B 85 -1.19 8.77 -8.11
C HIS B 85 -0.27 9.00 -6.92
N ALA B 86 -0.79 8.72 -5.73
CA ALA B 86 -0.04 8.95 -4.50
C ALA B 86 -0.42 7.88 -3.49
N PHE B 87 0.59 7.43 -2.75
CA PHE B 87 0.43 6.40 -1.74
C PHE B 87 -0.06 6.99 -0.42
N PRO B 88 -0.89 6.24 0.31
CA PRO B 88 -1.34 6.68 1.64
C PRO B 88 -0.18 6.78 2.63
N PRO B 89 -0.44 7.37 3.79
CA PRO B 89 0.64 7.60 4.77
C PRO B 89 1.33 6.30 5.16
N GLY B 90 2.64 6.40 5.39
CA GLY B 90 3.40 5.27 5.88
C GLY B 90 4.86 5.36 5.46
N PRO B 91 5.68 4.39 5.86
CA PRO B 91 7.09 4.43 5.46
C PRO B 91 7.29 4.12 3.98
N ASN B 92 8.51 4.38 3.51
CA ASN B 92 8.97 4.02 2.15
C ASN B 92 8.11 4.76 1.12
N TYR B 93 7.39 4.05 0.24
CA TYR B 93 6.59 4.73 -0.78
C TYR B 93 5.40 5.47 -0.18
N GLY B 94 5.02 5.18 1.07
CA GLY B 94 3.96 5.91 1.74
C GLY B 94 4.11 7.42 1.53
N GLY B 95 3.02 8.10 1.15
CA GLY B 95 3.07 9.52 0.92
C GLY B 95 3.60 9.96 -0.43
N ASP B 96 4.36 9.12 -1.12
CA ASP B 96 5.02 9.56 -2.36
C ASP B 96 3.99 9.85 -3.44
N ALA B 97 4.30 10.84 -4.28
CA ALA B 97 3.40 11.29 -5.32
C ALA B 97 4.10 11.26 -6.67
N HIS B 98 3.46 10.61 -7.65
CA HIS B 98 4.00 10.42 -8.98
C HIS B 98 3.09 11.06 -10.02
N PHE B 99 3.68 11.74 -11.00
CA PHE B 99 2.93 12.43 -12.04
C PHE B 99 3.37 11.89 -13.41
N ASP B 100 2.38 11.56 -14.26
CA ASP B 100 2.61 10.98 -15.59
C ASP B 100 3.07 12.08 -16.55
N ASP B 101 4.33 12.05 -16.97
CA ASP B 101 4.80 13.11 -17.86
C ASP B 101 4.44 12.85 -19.31
N ASP B 102 3.63 11.85 -19.60
CA ASP B 102 2.98 11.82 -20.91
C ASP B 102 1.71 12.66 -20.92
N GLU B 103 1.35 13.28 -19.79
CA GLU B 103 0.37 14.34 -19.73
C GLU B 103 1.05 15.70 -19.78
N THR B 104 0.28 16.72 -20.17
CA THR B 104 0.80 18.08 -20.24
C THR B 104 0.43 18.82 -18.95
N TRP B 105 1.44 19.23 -18.21
CA TRP B 105 1.28 19.93 -16.93
C TRP B 105 1.41 21.42 -17.17
N THR B 106 0.46 22.19 -16.63
CA THR B 106 0.44 23.63 -16.83
C THR B 106 0.16 24.37 -15.54
N SER B 107 0.30 25.69 -15.64
CA SER B 107 -0.23 26.63 -14.66
C SER B 107 -1.39 27.42 -15.24
N SER B 108 -2.17 26.79 -16.11
CA SER B 108 -3.30 27.45 -16.78
C SER B 108 -4.47 26.47 -16.84
N SER B 109 -5.46 26.77 -17.71
CA SER B 109 -6.56 25.85 -17.98
C SER B 109 -6.17 24.74 -18.94
N LYS B 110 -5.07 24.89 -19.66
CA LYS B 110 -4.69 23.89 -20.65
C LYS B 110 -4.16 22.64 -19.96
N GLY B 111 -4.18 21.54 -20.69
CA GLY B 111 -3.68 20.30 -20.13
C GLY B 111 -4.27 20.05 -18.77
N TYR B 112 -3.43 19.61 -17.84
CA TYR B 112 -3.81 19.44 -16.45
C TYR B 112 -3.07 20.45 -15.61
N ASN B 113 -3.81 21.20 -14.79
CA ASN B 113 -3.24 22.20 -13.89
C ASN B 113 -2.48 21.51 -12.76
N LEU B 114 -1.16 21.72 -12.70
CA LEU B 114 -0.34 20.96 -11.77
C LEU B 114 -0.74 21.23 -10.32
N PHE B 115 -1.05 22.49 -9.98
CA PHE B 115 -1.46 22.80 -8.61
C PHE B 115 -2.69 21.99 -8.20
N LEU B 116 -3.73 21.97 -9.04
CA LEU B 116 -4.98 21.29 -8.66
C LEU B 116 -4.76 19.80 -8.49
N VAL B 117 -4.03 19.19 -9.43
CA VAL B 117 -3.78 17.76 -9.35
C VAL B 117 -2.91 17.45 -8.14
N ALA B 118 -1.84 18.23 -7.93
CA ALA B 118 -0.97 18.00 -6.78
C ALA B 118 -1.72 18.16 -5.46
N ALA B 119 -2.58 19.16 -5.35
CA ALA B 119 -3.33 19.34 -4.12
C ALA B 119 -4.22 18.12 -3.84
N HIS B 120 -4.89 17.60 -4.87
CA HIS B 120 -5.66 16.38 -4.75
C HIS B 120 -4.76 15.21 -4.33
N GLU B 121 -3.63 15.02 -5.02
CA GLU B 121 -2.76 13.88 -4.72
C GLU B 121 -2.21 13.98 -3.32
N PHE B 122 -1.86 15.19 -2.86
CA PHE B 122 -1.37 15.34 -1.49
C PHE B 122 -2.46 15.03 -0.48
N GLY B 123 -3.74 15.24 -0.82
CA GLY B 123 -4.80 14.71 0.03
C GLY B 123 -4.68 13.21 0.23
N HIS B 124 -4.49 12.47 -0.86
CA HIS B 124 -4.25 11.03 -0.70
C HIS B 124 -3.01 10.76 0.13
N SER B 125 -1.92 11.52 -0.11
CA SER B 125 -0.69 11.37 0.66
C SER B 125 -0.92 11.51 2.16
N LEU B 126 -1.90 12.31 2.54
CA LEU B 126 -2.19 12.57 3.95
C LEU B 126 -3.24 11.64 4.54
N GLY B 127 -3.88 10.81 3.73
CA GLY B 127 -4.77 9.79 4.23
C GLY B 127 -6.22 9.93 3.80
N LEU B 128 -6.52 10.87 2.91
CA LEU B 128 -7.89 11.13 2.47
C LEU B 128 -8.31 10.22 1.34
N ASP B 129 -9.57 9.81 1.36
CA ASP B 129 -10.23 9.10 0.27
C ASP B 129 -11.01 10.09 -0.60
N HIS B 130 -11.75 9.57 -1.57
CA HIS B 130 -12.49 10.44 -2.45
C HIS B 130 -13.79 10.93 -1.81
N SER B 131 -14.30 12.05 -2.32
CA SER B 131 -15.52 12.68 -1.84
C SER B 131 -16.64 12.51 -2.86
N LYS B 132 -17.87 12.40 -2.34
CA LYS B 132 -19.04 12.34 -3.20
C LYS B 132 -19.53 13.72 -3.64
N ASP B 133 -18.95 14.78 -3.09
CA ASP B 133 -19.36 16.14 -3.37
C ASP B 133 -18.68 16.57 -4.65
N PRO B 134 -19.42 16.84 -5.72
CA PRO B 134 -18.78 17.24 -6.98
C PRO B 134 -18.00 18.54 -6.90
N GLY B 135 -18.21 19.36 -5.86
CA GLY B 135 -17.41 20.55 -5.69
C GLY B 135 -16.14 20.39 -4.88
N ALA B 136 -15.89 19.18 -4.35
CA ALA B 136 -14.75 18.93 -3.48
C ALA B 136 -13.46 18.75 -4.27
N LEU B 137 -12.36 19.20 -3.67
CA LEU B 137 -11.02 18.90 -4.21
C LEU B 137 -10.81 17.40 -4.38
N MET B 138 -11.32 16.59 -3.46
CA MET B 138 -11.12 15.13 -3.48
C MET B 138 -12.21 14.38 -4.25
N PHE B 139 -13.02 15.06 -5.06
CA PHE B 139 -13.90 14.38 -6.01
C PHE B 139 -13.05 13.56 -6.99
N PRO B 140 -13.54 12.41 -7.44
CA PRO B 140 -12.69 11.52 -8.25
C PRO B 140 -12.38 12.05 -9.65
N ILE B 141 -13.13 13.02 -10.16
CA ILE B 141 -13.01 13.45 -11.55
C ILE B 141 -12.38 14.84 -11.57
N TYR B 142 -11.38 15.02 -12.44
CA TYR B 142 -10.71 16.30 -12.61
C TYR B 142 -11.58 17.28 -13.39
N THR B 143 -11.65 18.52 -12.91
CA THR B 143 -12.26 19.61 -13.64
C THR B 143 -11.43 20.86 -13.41
N TYR B 144 -11.53 21.82 -14.34
CA TYR B 144 -10.94 23.14 -14.17
C TYR B 144 -12.06 24.15 -14.24
N THR B 145 -12.31 24.84 -13.13
CA THR B 145 -13.43 25.77 -13.01
C THR B 145 -13.00 27.22 -13.16
N GLY B 146 -11.71 27.51 -13.09
CA GLY B 146 -11.24 28.87 -13.20
C GLY B 146 -11.46 29.67 -11.94
N HIS B 149 -9.26 32.86 -7.14
CA HIS B 149 -8.52 32.49 -5.94
C HIS B 149 -9.05 31.20 -5.34
N PHE B 150 -8.17 30.23 -5.16
CA PHE B 150 -8.59 28.93 -4.65
C PHE B 150 -8.96 29.03 -3.18
N MET B 151 -10.06 28.39 -2.82
CA MET B 151 -10.46 28.20 -1.44
C MET B 151 -10.87 26.75 -1.24
N LEU B 152 -10.26 26.11 -0.25
CA LEU B 152 -10.46 24.67 -0.06
C LEU B 152 -11.92 24.39 0.32
N PRO B 153 -12.62 23.53 -0.43
CA PRO B 153 -14.04 23.31 -0.12
C PRO B 153 -14.28 22.72 1.26
N ASP B 154 -15.49 22.93 1.78
CA ASP B 154 -15.80 22.54 3.15
C ASP B 154 -15.67 21.03 3.36
N ASP B 155 -16.08 20.22 2.38
CA ASP B 155 -15.99 18.78 2.56
C ASP B 155 -14.55 18.34 2.76
N ASP B 156 -13.61 19.01 2.10
CA ASP B 156 -12.21 18.65 2.23
C ASP B 156 -11.64 19.10 3.56
N VAL B 157 -12.06 20.28 4.04
CA VAL B 157 -11.66 20.75 5.35
C VAL B 157 -12.11 19.78 6.44
N GLN B 158 -13.38 19.36 6.40
CA GLN B 158 -13.89 18.44 7.41
C GLN B 158 -13.11 17.12 7.39
N GLY B 159 -12.83 16.60 6.19
CA GLY B 159 -12.15 15.33 6.10
C GLY B 159 -10.73 15.37 6.65
N ILE B 160 -9.96 16.41 6.33
CA ILE B 160 -8.58 16.46 6.77
C ILE B 160 -8.52 16.75 8.27
N GLN B 161 -9.44 17.57 8.79
CA GLN B 161 -9.46 17.83 10.22
C GLN B 161 -9.94 16.65 11.04
N SER B 162 -10.73 15.75 10.44
CA SER B 162 -11.08 14.52 11.16
C SER B 162 -9.84 13.71 11.50
N LEU B 163 -8.82 13.77 10.65
CA LEU B 163 -7.58 13.05 10.89
C LEU B 163 -6.60 13.83 11.76
N TYR B 164 -6.46 15.14 11.53
CA TYR B 164 -5.37 15.92 12.13
C TYR B 164 -5.81 17.07 13.02
N GLY B 165 -7.10 17.39 13.06
CA GLY B 165 -7.58 18.53 13.82
C GLY B 165 -7.32 19.84 13.10
N PRO B 166 -7.83 20.93 13.67
CA PRO B 166 -7.71 22.23 13.02
C PRO B 166 -6.36 22.88 13.25
N GLY B 167 -6.14 23.97 12.52
CA GLY B 167 -4.99 24.81 12.76
C GLY B 167 -5.26 25.75 13.93
ZN ZN C . -5.06 -8.87 5.96
ZN ZN D . 7.76 -7.16 9.54
CA CA E . 1.10 -8.54 18.85
CA CA F . 4.61 -17.44 20.32
CA CA G . 10.70 -10.93 -1.11
C12 8OM H . -4.20 -11.30 9.85
C13 8OM H . -3.40 -10.25 10.32
C8 8OM H . -9.03 -15.48 7.98
C7 8OM H . -7.72 -12.12 9.08
C6 8OM H . -8.56 -13.11 8.58
C4 8OM H . -6.83 -14.74 8.95
C2 8OM H . -6.43 -12.41 9.54
C1 8OM H . -3.37 -7.84 8.05
O2 8OM H . -4.53 -7.91 7.59
O1 8OM H . -2.44 -8.58 7.63
C21 8OM H . -3.05 -6.81 9.11
C22 8OM H . -2.30 -5.65 8.46
C17 8OM H . -3.09 -5.14 7.26
C9 8OM H . -2.07 -4.46 9.39
N18 8OM H . -2.23 -7.37 10.22
S17 8OM H . -3.04 -7.93 11.51
O19 8OM H . -3.88 -6.91 12.10
O20 8OM H . -2.06 -8.38 12.47
C14 8OM H . -3.96 -9.16 11.00
C15 8OM H . -5.34 -9.17 11.20
C16 8OM H . -6.13 -10.21 10.74
C11 8OM H . -5.57 -11.30 10.05
C5 8OM H . -8.11 -14.42 8.51
C3 8OM H . -5.99 -13.74 9.46
S10 8OM H . -9.74 -16.41 9.32
C28 8OM H . -10.76 -17.56 8.59
N31 8OM H . -11.01 -17.50 7.26
C34 8OM H . -11.80 -18.41 6.66
C37 8OM H . -12.20 -18.53 5.22
C36 8OM H . -13.01 -19.84 5.18
C35 8OM H . -13.25 -20.37 6.60
C33 8OM H . -12.41 -19.47 7.45
C32 8OM H . -12.12 -19.51 8.89
N29 8OM H . -11.31 -18.54 9.37
O38 8OM H . -12.61 -20.40 9.64
ZN ZN I . -7.87 10.73 -6.29
ZN ZN J . 3.96 5.44 -9.30
CA CA K . -1.65 8.89 -18.88
CA CA L . 4.55 16.26 -20.10
CA CA M . 7.54 8.20 1.48
C12 8OM N . -6.23 12.80 -10.06
C13 8OM N . -5.75 11.56 -10.48
C8 8OM N . -9.53 18.27 -8.32
C7 8OM N . -9.38 14.66 -9.45
C6 8OM N . -9.86 15.87 -8.98
C4 8OM N . -7.67 16.83 -9.22
C2 8OM N . -8.04 14.52 -9.85
C1 8OM N . -6.43 9.29 -8.25
O2 8OM N . -7.57 9.69 -7.92
O1 8OM N . -5.37 9.75 -7.77
C21 8OM N . -6.35 8.18 -9.28
C22 8OM N . -5.95 6.87 -8.58
C17 8OM N . -6.87 6.55 -7.41
C9 8OM N . -5.95 5.68 -9.54
N18 8OM N . -5.35 8.54 -10.31
S17 8OM N . -5.95 9.24 -11.64
O19 8OM N . -6.96 8.42 -12.21
O20 8OM N . -4.82 9.44 -12.51
C14 8OM N . -6.56 10.67 -11.18
C15 8OM N . -7.88 11.06 -11.46
C16 8OM N . -8.36 12.30 -11.03
C11 8OM N . -7.53 13.19 -10.34
C5 8OM N . -9.01 16.96 -8.84
C3 8OM N . -7.19 15.61 -9.70
S10 8OM N . -9.90 19.36 -9.67
C28 8OM N . -10.60 20.77 -9.01
N31 8OM N . -10.92 20.81 -7.68
C34 8OM N . -11.46 21.95 -7.19
C37 8OM N . -11.90 22.27 -5.78
C36 8OM N . -12.29 23.76 -5.84
C35 8OM N . -12.26 24.25 -7.30
C33 8OM N . -11.68 23.09 -8.06
C32 8OM N . -11.31 22.99 -9.48
N29 8OM N . -10.79 21.80 -9.86
O38 8OM N . -11.45 23.93 -10.29
#